data_6OUW
#
_entry.id   6OUW
#
_cell.length_a   129.750
_cell.length_b   85.540
_cell.length_c   60.572
_cell.angle_alpha   90.00
_cell.angle_beta   114.77
_cell.angle_gamma   90.00
#
_symmetry.space_group_name_H-M   'C 1 2 1'
#
loop_
_entity.id
_entity.type
_entity.pdbx_description
1 polymer '1-deoxy-D-xylulose-5-phosphate synthase'
2 non-polymer '2-ACETYL-THIAMINE DIPHOSPHATE'
3 non-polymer 'MAGNESIUM ION'
4 non-polymer 'SODIUM ION'
5 water water
#
_entity_poly.entity_id   1
_entity_poly.type   'polypeptide(L)'
_entity_poly.pdbx_seq_one_letter_code
;MGSSHHHHHHSSGLVPRGSHMMNELPGTSDTPLLDQIHGPKDLKRLSREQLPALTEELRGEIVRVCSRGGLHLASSLGAV
DIITALHYVLDSPRDRILFDVGHQAYAHKILTGRRDQMADIKKEGGISGFTKVSESEHDAITVGHASTSLANALGMALAR
DAQGKDFHVAAVIGDGSLTGGMALAALNTIGDMGRKMLIVLNDNEMSISENVGAMNKFMRGLQVQKWFQEGEGAGKKAVE
AVSKPLADFMSRAKNSTRHFFDPASVNPFAAMGVRYVGPVDGHNVQELVWLLERLVDLDGPTILHIVTTKGKGLSYAEAD
PIYWHGPAKFDPATGEYVPSSAYSWSAAFGEAVTEWAKTDPRTFVVTPAMREGSGLVEFSRVHPHRYLDVGIAEEVAVTT
AAGMALQGMRPVVAIYSTFLQRAYDQVLHDVAIEHLNVTFCIDRAGIVGADGATHNGVFDLSFLRSIPGVRIGLPKDAAE
LRGMLKYAQTHDGPFAIRYPRGNTAQVPAGTWPDLKWGEWERLKGGDDVVILAGGKALDYALKAAEDLPGVGVVNARFVK
PLDEEMLREVGGRARALITVEDNTVVGGFGGAVLEALNSMNLHPTVRVLGIPDEFQEHATAESVHARAGIDAPAIRTVLA
ELGVDVPIEV
;
_entity_poly.pdbx_strand_id   A
#
# COMPACT_ATOMS: atom_id res chain seq x y z
N THR A 28 10.05 -15.92 -38.55
CA THR A 28 10.56 -14.54 -38.61
C THR A 28 10.33 -13.83 -37.28
N SER A 29 9.36 -14.31 -36.50
CA SER A 29 9.02 -13.70 -35.22
C SER A 29 9.77 -14.35 -34.07
N ASP A 30 9.99 -13.58 -33.01
CA ASP A 30 10.66 -14.09 -31.82
C ASP A 30 9.78 -14.98 -30.98
N THR A 31 8.46 -14.90 -31.15
CA THR A 31 7.50 -15.66 -30.33
C THR A 31 6.50 -16.36 -31.23
N PRO A 32 6.95 -17.33 -32.04
CA PRO A 32 5.99 -18.05 -32.90
C PRO A 32 4.89 -18.76 -32.15
N LEU A 33 5.19 -19.28 -30.95
CA LEU A 33 4.18 -19.97 -30.16
C LEU A 33 3.21 -18.98 -29.52
N LEU A 34 3.73 -17.94 -28.87
CA LEU A 34 2.89 -16.96 -28.22
C LEU A 34 2.00 -16.22 -29.21
N ASP A 35 2.47 -16.05 -30.45
CA ASP A 35 1.67 -15.38 -31.48
C ASP A 35 0.38 -16.12 -31.78
N GLN A 36 0.32 -17.42 -31.53
CA GLN A 36 -0.88 -18.21 -31.79
C GLN A 36 -1.70 -18.44 -30.54
N ILE A 37 -1.29 -17.90 -29.39
CA ILE A 37 -1.95 -18.14 -28.12
C ILE A 37 -2.67 -16.85 -27.72
N HIS A 38 -3.99 -16.84 -27.90
CA HIS A 38 -4.83 -15.72 -27.50
C HIS A 38 -5.62 -16.01 -26.23
N GLY A 39 -5.53 -17.21 -25.70
CA GLY A 39 -6.23 -17.59 -24.49
C GLY A 39 -5.85 -19.00 -24.07
N PRO A 40 -6.32 -19.42 -22.89
CA PRO A 40 -5.92 -20.74 -22.38
C PRO A 40 -6.33 -21.90 -23.27
N LYS A 41 -7.42 -21.78 -24.02
CA LYS A 41 -7.82 -22.89 -24.88
C LYS A 41 -6.90 -23.05 -26.09
N ASP A 42 -6.15 -22.00 -26.46
CA ASP A 42 -5.11 -22.17 -27.46
C ASP A 42 -3.86 -22.78 -26.85
N LEU A 43 -3.58 -22.48 -25.57
CA LEU A 43 -2.43 -23.07 -24.91
C LEU A 43 -2.51 -24.59 -24.88
N LYS A 44 -3.72 -25.13 -24.63
CA LYS A 44 -3.86 -26.57 -24.53
C LYS A 44 -3.62 -27.28 -25.85
N ARG A 45 -3.67 -26.56 -26.97
CA ARG A 45 -3.42 -27.20 -28.27
C ARG A 45 -1.96 -27.55 -28.47
N LEU A 46 -1.05 -26.95 -27.69
CA LEU A 46 0.36 -27.25 -27.80
C LEU A 46 0.67 -28.62 -27.20
N SER A 47 1.80 -29.18 -27.61
CA SER A 47 2.32 -30.38 -26.96
C SER A 47 3.15 -29.99 -25.74
N ARG A 48 3.19 -30.92 -24.78
CA ARG A 48 3.94 -30.67 -23.56
C ARG A 48 5.41 -30.40 -23.83
N GLU A 49 5.96 -30.98 -24.90
CA GLU A 49 7.35 -30.72 -25.27
C GLU A 49 7.57 -29.31 -25.77
N GLN A 50 6.50 -28.62 -26.19
CA GLN A 50 6.59 -27.23 -26.62
C GLN A 50 6.49 -26.23 -25.48
N LEU A 51 6.09 -26.66 -24.28
CA LEU A 51 5.90 -25.79 -23.13
C LEU A 51 7.20 -25.15 -22.65
N PRO A 52 8.34 -25.87 -22.61
CA PRO A 52 9.59 -25.17 -22.23
C PRO A 52 9.93 -24.04 -23.18
N ALA A 53 9.78 -24.24 -24.48
CA ALA A 53 9.99 -23.16 -25.43
C ALA A 53 9.00 -22.01 -25.22
N LEU A 54 7.77 -22.33 -24.80
CA LEU A 54 6.82 -21.27 -24.51
C LEU A 54 7.24 -20.46 -23.30
N THR A 55 7.74 -21.12 -22.26
CA THR A 55 8.20 -20.39 -21.07
C THR A 55 9.38 -19.50 -21.40
N GLU A 56 10.21 -19.90 -22.36
CA GLU A 56 11.31 -19.03 -22.81
C GLU A 56 10.77 -17.82 -23.55
N GLU A 57 9.72 -18.00 -24.35
CA GLU A 57 9.10 -16.85 -24.99
C GLU A 57 8.47 -15.91 -23.98
N LEU A 58 7.84 -16.47 -22.94
CA LEU A 58 7.14 -15.64 -21.97
C LEU A 58 8.11 -14.79 -21.14
N ARG A 59 9.25 -15.37 -20.76
CA ARG A 59 10.25 -14.57 -20.04
C ARG A 59 10.78 -13.44 -20.92
N GLY A 60 11.09 -13.74 -22.18
CA GLY A 60 11.52 -12.69 -23.08
C GLY A 60 10.48 -11.61 -23.27
N GLU A 61 9.21 -12.01 -23.41
CA GLU A 61 8.14 -11.03 -23.57
C GLU A 61 7.98 -10.16 -22.33
N ILE A 62 8.10 -10.75 -21.14
CA ILE A 62 7.96 -9.97 -19.92
C ILE A 62 9.11 -8.97 -19.80
N VAL A 63 10.32 -9.38 -20.17
CA VAL A 63 11.47 -8.48 -20.09
C VAL A 63 11.32 -7.34 -21.10
N ARG A 64 10.97 -7.67 -22.34
CA ARG A 64 10.91 -6.64 -23.39
C ARG A 64 9.90 -5.55 -23.06
N VAL A 65 8.76 -5.93 -22.49
CA VAL A 65 7.62 -5.01 -22.38
C VAL A 65 7.54 -4.43 -20.98
N CYS A 66 8.00 -5.19 -19.98
CA CYS A 66 7.84 -4.79 -18.59
C CYS A 66 9.15 -4.46 -17.90
N SER A 67 10.19 -4.11 -18.66
CA SER A 67 11.44 -3.61 -18.06
C SER A 67 11.37 -2.12 -17.76
N ARG A 68 10.16 -1.58 -17.65
CA ARG A 68 9.96 -0.17 -17.35
C ARG A 68 10.19 0.08 -15.86
N GLY A 69 10.00 1.32 -15.44
CA GLY A 69 10.25 1.67 -14.06
C GLY A 69 9.13 1.18 -13.14
N GLY A 70 9.53 0.66 -11.98
CA GLY A 70 8.60 0.28 -10.94
C GLY A 70 7.66 -0.85 -11.31
N LEU A 71 8.19 -1.91 -11.88
CA LEU A 71 7.41 -3.10 -12.23
C LEU A 71 8.01 -4.32 -11.53
N HIS A 72 7.15 -5.15 -10.94
CA HIS A 72 7.62 -6.33 -10.22
C HIS A 72 8.11 -7.39 -11.20
N LEU A 73 9.26 -7.12 -11.83
CA LEU A 73 9.74 -7.96 -12.91
C LEU A 73 10.22 -9.31 -12.39
N ALA A 74 10.99 -9.31 -11.30
CA ALA A 74 11.60 -10.55 -10.83
C ALA A 74 10.55 -11.56 -10.39
N SER A 75 9.52 -11.12 -9.67
CA SER A 75 8.50 -12.04 -9.18
C SER A 75 7.73 -12.67 -10.33
N SER A 76 7.34 -11.89 -11.33
CA SER A 76 6.57 -12.44 -12.44
C SER A 76 7.42 -13.38 -13.28
N LEU A 77 8.70 -13.05 -13.46
CA LEU A 77 9.59 -13.97 -14.17
C LEU A 77 9.71 -15.31 -13.45
N GLY A 78 9.77 -15.27 -12.12
CA GLY A 78 9.92 -16.49 -11.35
C GLY A 78 8.73 -17.42 -11.41
N ALA A 79 7.55 -16.90 -11.75
CA ALA A 79 6.31 -17.66 -11.74
C ALA A 79 5.84 -18.06 -13.13
N VAL A 80 6.67 -17.90 -14.17
CA VAL A 80 6.22 -18.17 -15.53
C VAL A 80 5.87 -19.65 -15.70
N ASP A 81 6.69 -20.53 -15.13
CA ASP A 81 6.51 -21.96 -15.37
C ASP A 81 5.28 -22.51 -14.66
N ILE A 82 5.02 -22.05 -13.44
CA ILE A 82 3.85 -22.55 -12.71
C ILE A 82 2.57 -22.01 -13.34
N ILE A 83 2.59 -20.76 -13.82
CA ILE A 83 1.41 -20.20 -14.46
C ILE A 83 1.13 -20.91 -15.78
N THR A 84 2.19 -21.21 -16.54
CA THR A 84 2.02 -21.94 -17.79
C THR A 84 1.41 -23.31 -17.54
N ALA A 85 1.91 -24.03 -16.52
CA ALA A 85 1.40 -25.37 -16.24
C ALA A 85 -0.02 -25.33 -15.71
N LEU A 86 -0.35 -24.33 -14.88
CA LEU A 86 -1.70 -24.24 -14.35
C LEU A 86 -2.73 -24.01 -15.45
N HIS A 87 -2.43 -23.09 -16.37
CA HIS A 87 -3.35 -22.82 -17.48
C HIS A 87 -3.36 -23.92 -18.53
N TYR A 88 -2.28 -24.70 -18.62
CA TYR A 88 -2.29 -25.84 -19.53
C TYR A 88 -3.16 -26.97 -19.00
N VAL A 89 -3.31 -27.07 -17.68
CA VAL A 89 -4.03 -28.17 -17.05
C VAL A 89 -5.45 -27.78 -16.70
N LEU A 90 -5.65 -26.58 -16.14
CA LEU A 90 -6.98 -26.15 -15.72
C LEU A 90 -7.70 -25.44 -16.86
N ASP A 91 -8.99 -25.21 -16.65
CA ASP A 91 -9.87 -24.66 -17.67
C ASP A 91 -10.44 -23.33 -17.18
N SER A 92 -9.58 -22.33 -17.08
CA SER A 92 -10.04 -20.97 -16.81
C SER A 92 -10.83 -20.46 -18.00
N PRO A 93 -11.91 -19.68 -17.79
CA PRO A 93 -12.41 -19.08 -16.54
C PRO A 93 -13.36 -19.93 -15.68
N ARG A 94 -13.73 -21.13 -16.14
CA ARG A 94 -14.58 -21.98 -15.31
C ARG A 94 -13.82 -22.46 -14.08
N ASP A 95 -12.58 -22.92 -14.28
CA ASP A 95 -11.67 -23.12 -13.17
C ASP A 95 -11.17 -21.76 -12.69
N ARG A 96 -11.01 -21.62 -11.38
CA ARG A 96 -10.63 -20.35 -10.76
C ARG A 96 -9.19 -20.45 -10.28
N ILE A 97 -8.32 -19.59 -10.81
CA ILE A 97 -6.93 -19.49 -10.39
C ILE A 97 -6.75 -18.17 -9.68
N LEU A 98 -6.36 -18.23 -8.41
CA LEU A 98 -6.23 -17.07 -7.54
C LEU A 98 -4.77 -16.78 -7.25
N PHE A 99 -4.35 -15.54 -7.47
CA PHE A 99 -2.99 -15.11 -7.17
C PHE A 99 -2.99 -14.22 -5.93
N ASP A 100 -2.09 -14.51 -5.00
CA ASP A 100 -1.91 -13.69 -3.82
C ASP A 100 -1.04 -12.49 -4.15
N VAL A 101 -1.45 -11.31 -3.68
CA VAL A 101 -0.87 -10.02 -4.06
C VAL A 101 -1.15 -9.72 -5.53
N GLY A 102 -0.74 -10.62 -6.43
CA GLY A 102 -1.00 -10.46 -7.84
C GLY A 102 0.13 -9.86 -8.64
N HIS A 103 1.25 -9.52 -8.00
CA HIS A 103 2.37 -8.92 -8.71
C HIS A 103 3.11 -9.93 -9.58
N GLN A 104 2.91 -11.22 -9.36
CA GLN A 104 3.65 -12.26 -10.07
C GLN A 104 2.91 -12.80 -11.28
N ALA A 105 1.81 -12.17 -11.69
CA ALA A 105 0.90 -12.76 -12.66
C ALA A 105 0.94 -12.07 -14.03
N TYR A 106 2.10 -11.58 -14.45
CA TYR A 106 2.20 -10.99 -15.79
C TYR A 106 2.01 -12.04 -16.87
N ALA A 107 2.60 -13.22 -16.68
CA ALA A 107 2.40 -14.31 -17.63
C ALA A 107 0.95 -14.75 -17.65
N HIS A 108 0.25 -14.64 -16.51
CA HIS A 108 -1.18 -14.92 -16.48
C HIS A 108 -1.93 -13.98 -17.40
N LYS A 109 -1.64 -12.67 -17.31
CA LYS A 109 -2.32 -11.71 -18.17
C LYS A 109 -1.95 -11.92 -19.64
N ILE A 110 -0.69 -12.29 -19.91
CA ILE A 110 -0.27 -12.51 -21.29
C ILE A 110 -1.00 -13.71 -21.89
N LEU A 111 -1.24 -14.75 -21.09
CA LEU A 111 -1.89 -15.94 -21.58
C LEU A 111 -3.41 -15.84 -21.61
N THR A 112 -3.98 -14.74 -21.14
CA THR A 112 -5.43 -14.60 -21.07
C THR A 112 -5.89 -13.38 -21.84
N GLY A 113 -5.38 -13.22 -23.07
CA GLY A 113 -5.90 -12.22 -23.98
C GLY A 113 -5.51 -10.79 -23.71
N ARG A 114 -4.54 -10.56 -22.83
CA ARG A 114 -4.09 -9.21 -22.50
C ARG A 114 -2.64 -8.96 -22.91
N ARG A 115 -2.11 -9.75 -23.84
CA ARG A 115 -0.72 -9.57 -24.27
C ARG A 115 -0.50 -8.18 -24.84
N ASP A 116 -1.41 -7.70 -25.69
CA ASP A 116 -1.26 -6.39 -26.30
C ASP A 116 -1.36 -5.25 -25.29
N GLN A 117 -1.94 -5.48 -24.11
CA GLN A 117 -2.11 -4.42 -23.13
C GLN A 117 -0.96 -4.30 -22.14
N MET A 118 0.01 -5.22 -22.18
CA MET A 118 1.10 -5.18 -21.22
C MET A 118 1.95 -3.93 -21.36
N ALA A 119 1.95 -3.29 -22.54
CA ALA A 119 2.77 -2.10 -22.74
C ALA A 119 2.26 -0.92 -21.92
N ASP A 120 0.97 -0.89 -21.59
CA ASP A 120 0.37 0.20 -20.83
C ASP A 120 -0.09 -0.24 -19.44
N ILE A 121 0.49 -1.31 -18.89
CA ILE A 121 0.09 -1.80 -17.59
C ILE A 121 0.44 -0.76 -16.53
N LYS A 122 -0.46 -0.58 -15.56
CA LYS A 122 -0.42 0.41 -14.49
C LYS A 122 -0.60 1.84 -14.98
N LYS A 123 -0.78 2.05 -16.28
CA LYS A 123 -1.07 3.39 -16.80
C LYS A 123 -2.57 3.65 -16.77
N GLU A 124 -2.92 4.93 -16.71
CA GLU A 124 -4.33 5.32 -16.67
C GLU A 124 -5.03 4.87 -17.95
N GLY A 125 -6.12 4.12 -17.78
CA GLY A 125 -6.83 3.53 -18.90
C GLY A 125 -6.32 2.18 -19.35
N GLY A 126 -5.15 1.75 -18.86
CA GLY A 126 -4.62 0.44 -19.17
C GLY A 126 -5.01 -0.57 -18.11
N ILE A 127 -4.37 -1.73 -18.18
CA ILE A 127 -4.67 -2.81 -17.24
C ILE A 127 -3.93 -2.57 -15.93
N SER A 128 -4.44 -3.19 -14.87
CA SER A 128 -3.87 -3.04 -13.55
C SER A 128 -2.56 -3.82 -13.42
N GLY A 129 -1.70 -3.37 -12.50
CA GLY A 129 -0.51 -4.12 -12.17
C GLY A 129 -0.78 -5.41 -11.42
N PHE A 130 -1.94 -5.51 -10.78
CA PHE A 130 -2.38 -6.74 -10.13
C PHE A 130 -3.60 -7.28 -10.85
N THR A 131 -4.02 -8.49 -10.46
CA THR A 131 -5.23 -9.05 -11.05
C THR A 131 -6.44 -8.29 -10.53
N LYS A 132 -7.47 -8.20 -11.37
CA LYS A 132 -8.65 -7.40 -11.05
C LYS A 132 -9.88 -8.05 -11.66
N VAL A 133 -10.87 -8.36 -10.81
CA VAL A 133 -12.08 -9.03 -11.27
C VAL A 133 -12.78 -8.21 -12.34
N SER A 134 -12.75 -6.89 -12.21
CA SER A 134 -13.36 -6.02 -13.22
C SER A 134 -12.65 -6.09 -14.56
N GLU A 135 -11.40 -6.56 -14.58
CA GLU A 135 -10.59 -6.47 -15.79
C GLU A 135 -10.83 -7.65 -16.74
N SER A 136 -11.12 -8.83 -16.19
CA SER A 136 -11.20 -10.05 -16.99
C SER A 136 -11.88 -11.14 -16.17
N GLU A 137 -12.61 -12.01 -16.86
CA GLU A 137 -13.17 -13.19 -16.21
C GLU A 137 -12.10 -14.15 -15.71
N HIS A 138 -10.85 -13.99 -16.15
CA HIS A 138 -9.76 -14.84 -15.72
C HIS A 138 -9.14 -14.37 -14.40
N ASP A 139 -9.38 -13.12 -13.99
CA ASP A 139 -8.87 -12.60 -12.73
C ASP A 139 -9.87 -12.94 -11.64
N ALA A 140 -9.56 -13.98 -10.84
CA ALA A 140 -10.53 -14.50 -9.88
C ALA A 140 -10.72 -13.58 -8.69
N ILE A 141 -9.69 -12.84 -8.27
CA ILE A 141 -9.82 -11.93 -7.14
C ILE A 141 -9.11 -10.63 -7.47
N THR A 142 -9.61 -9.54 -6.89
CA THR A 142 -8.90 -8.26 -6.92
C THR A 142 -7.98 -8.22 -5.71
N VAL A 143 -6.68 -8.10 -5.97
CA VAL A 143 -5.67 -8.22 -4.93
C VAL A 143 -4.66 -7.09 -5.06
N GLY A 144 -3.88 -6.92 -4.00
CA GLY A 144 -2.87 -5.90 -3.89
C GLY A 144 -2.26 -6.02 -2.51
N HIS A 145 -3.13 -6.18 -1.51
CA HIS A 145 -2.69 -6.60 -0.18
C HIS A 145 -2.47 -8.10 -0.17
N ALA A 146 -1.53 -8.54 0.66
CA ALA A 146 -1.08 -9.92 0.66
C ALA A 146 -1.96 -10.79 1.55
N SER A 147 -1.86 -12.10 1.32
CA SER A 147 -2.36 -13.17 2.18
C SER A 147 -3.87 -13.37 2.09
N THR A 148 -4.55 -12.78 1.09
CA THR A 148 -6.00 -12.92 0.96
C THR A 148 -6.42 -14.13 0.13
N SER A 149 -5.50 -14.73 -0.63
CA SER A 149 -5.91 -15.75 -1.61
C SER A 149 -6.53 -16.96 -0.92
N LEU A 150 -6.01 -17.35 0.25
CA LEU A 150 -6.47 -18.58 0.88
C LEU A 150 -7.91 -18.47 1.37
N ALA A 151 -8.27 -17.35 2.01
CA ALA A 151 -9.63 -17.19 2.49
C ALA A 151 -10.61 -17.03 1.34
N ASN A 152 -10.21 -16.28 0.29
CA ASN A 152 -11.03 -16.19 -0.91
C ASN A 152 -11.24 -17.56 -1.53
N ALA A 153 -10.19 -18.36 -1.63
CA ALA A 153 -10.31 -19.69 -2.23
C ALA A 153 -11.26 -20.57 -1.43
N LEU A 154 -11.19 -20.49 -0.10
CA LEU A 154 -12.10 -21.26 0.73
C LEU A 154 -13.55 -20.85 0.48
N GLY A 155 -13.80 -19.55 0.37
CA GLY A 155 -15.16 -19.10 0.08
C GLY A 155 -15.64 -19.58 -1.27
N MET A 156 -14.77 -19.56 -2.29
CA MET A 156 -15.17 -20.03 -3.61
C MET A 156 -15.42 -21.54 -3.60
N ALA A 157 -14.60 -22.29 -2.86
CA ALA A 157 -14.80 -23.72 -2.76
C ALA A 157 -16.09 -24.05 -2.02
N LEU A 158 -16.39 -23.32 -0.94
CA LEU A 158 -17.62 -23.54 -0.22
C LEU A 158 -18.83 -23.17 -1.08
N ALA A 159 -18.75 -22.04 -1.78
CA ALA A 159 -19.82 -21.68 -2.71
C ALA A 159 -19.97 -22.71 -3.81
N ARG A 160 -18.85 -23.22 -4.33
CA ARG A 160 -18.91 -24.24 -5.38
C ARG A 160 -19.67 -25.47 -4.92
N ASP A 161 -19.37 -25.96 -3.72
CA ASP A 161 -20.04 -27.15 -3.20
C ASP A 161 -21.49 -26.86 -2.84
N ALA A 162 -21.78 -25.63 -2.42
CA ALA A 162 -23.16 -25.24 -2.16
C ALA A 162 -23.97 -25.04 -3.44
N GLN A 163 -23.35 -25.20 -4.61
CA GLN A 163 -24.05 -25.06 -5.88
C GLN A 163 -24.04 -26.32 -6.71
N GLY A 164 -23.52 -27.43 -6.19
CA GLY A 164 -23.50 -28.66 -6.93
C GLY A 164 -22.50 -28.70 -8.07
N LYS A 165 -21.51 -27.80 -8.07
CA LYS A 165 -20.54 -27.71 -9.14
C LYS A 165 -19.21 -28.32 -8.71
N ASP A 166 -18.35 -28.58 -9.71
CA ASP A 166 -17.10 -29.29 -9.45
C ASP A 166 -15.91 -28.65 -10.18
N PHE A 167 -15.96 -27.35 -10.43
CA PHE A 167 -14.80 -26.72 -11.05
C PHE A 167 -13.63 -26.68 -10.07
N HIS A 168 -12.43 -26.47 -10.59
CA HIS A 168 -11.24 -26.46 -9.77
C HIS A 168 -10.97 -25.07 -9.20
N VAL A 169 -10.53 -25.03 -7.95
CA VAL A 169 -10.11 -23.81 -7.29
C VAL A 169 -8.65 -23.96 -6.91
N ALA A 170 -7.80 -23.08 -7.42
CA ALA A 170 -6.37 -23.14 -7.18
C ALA A 170 -5.86 -21.75 -6.82
N ALA A 171 -4.99 -21.69 -5.82
CA ALA A 171 -4.43 -20.45 -5.32
C ALA A 171 -2.92 -20.50 -5.37
N VAL A 172 -2.30 -19.41 -5.82
CA VAL A 172 -0.84 -19.28 -5.86
C VAL A 172 -0.45 -18.25 -4.81
N ILE A 173 0.27 -18.69 -3.78
CA ILE A 173 0.68 -17.83 -2.68
C ILE A 173 2.18 -18.00 -2.46
N GLY A 174 2.89 -16.88 -2.31
CA GLY A 174 4.32 -16.92 -2.10
C GLY A 174 4.68 -17.22 -0.64
N ASP A 175 5.97 -17.53 -0.44
CA ASP A 175 6.46 -17.81 0.91
C ASP A 175 6.24 -16.62 1.83
N GLY A 176 6.43 -15.40 1.34
CA GLY A 176 6.22 -14.23 2.16
C GLY A 176 4.76 -14.05 2.57
N SER A 177 3.85 -14.16 1.61
CA SER A 177 2.43 -14.00 1.91
C SER A 177 1.94 -15.07 2.89
N LEU A 178 2.56 -16.25 2.87
CA LEU A 178 2.13 -17.33 3.75
C LEU A 178 2.40 -17.02 5.21
N THR A 179 3.35 -16.13 5.53
CA THR A 179 3.58 -15.74 6.91
C THR A 179 2.49 -14.80 7.43
N GLY A 180 1.65 -14.26 6.56
CA GLY A 180 0.59 -13.38 7.02
C GLY A 180 -0.40 -14.12 7.91
N GLY A 181 -0.91 -13.41 8.90
CA GLY A 181 -1.82 -14.03 9.86
C GLY A 181 -3.06 -14.59 9.22
N MET A 182 -3.70 -13.82 8.34
CA MET A 182 -4.93 -14.32 7.71
C MET A 182 -4.67 -15.46 6.75
N ALA A 183 -3.44 -15.59 6.24
CA ALA A 183 -3.12 -16.78 5.45
C ALA A 183 -3.00 -18.00 6.36
N LEU A 184 -2.31 -17.86 7.48
CA LEU A 184 -2.12 -18.99 8.39
C LEU A 184 -3.44 -19.44 9.02
N ALA A 185 -4.25 -18.49 9.48
CA ALA A 185 -5.56 -18.86 10.05
C ALA A 185 -6.45 -19.53 9.00
N ALA A 186 -6.50 -18.99 7.78
CA ALA A 186 -7.29 -19.59 6.72
C ALA A 186 -6.84 -21.03 6.45
N LEU A 187 -5.52 -21.27 6.49
CA LEU A 187 -5.01 -22.63 6.37
C LEU A 187 -5.65 -23.57 7.37
N ASN A 188 -5.81 -23.11 8.62
CA ASN A 188 -6.43 -23.93 9.65
C ASN A 188 -7.86 -24.29 9.27
N THR A 189 -8.63 -23.30 8.79
CA THR A 189 -10.02 -23.56 8.41
C THR A 189 -10.11 -24.42 7.15
N ILE A 190 -9.21 -24.18 6.19
CA ILE A 190 -9.20 -24.99 4.96
C ILE A 190 -8.96 -26.45 5.29
N GLY A 191 -8.00 -26.73 6.17
CA GLY A 191 -7.79 -28.09 6.63
C GLY A 191 -8.93 -28.62 7.47
N ASP A 192 -9.78 -27.73 7.98
CA ASP A 192 -10.93 -28.16 8.78
C ASP A 192 -12.11 -28.54 7.90
N MET A 193 -12.33 -27.78 6.83
CA MET A 193 -13.49 -28.03 5.96
C MET A 193 -13.26 -29.20 5.01
N GLY A 194 -12.00 -29.49 4.67
CA GLY A 194 -11.69 -30.63 3.83
C GLY A 194 -12.29 -30.60 2.44
N ARG A 195 -12.34 -29.43 1.81
CA ARG A 195 -12.89 -29.30 0.48
C ARG A 195 -11.79 -29.38 -0.57
N LYS A 196 -12.21 -29.68 -1.81
CA LYS A 196 -11.27 -29.76 -2.93
C LYS A 196 -10.73 -28.39 -3.27
N MET A 197 -9.40 -28.26 -3.23
CA MET A 197 -8.72 -27.04 -3.64
C MET A 197 -7.22 -27.33 -3.69
N LEU A 198 -6.51 -26.59 -4.53
CA LEU A 198 -5.07 -26.71 -4.65
C LEU A 198 -4.41 -25.39 -4.27
N ILE A 199 -3.46 -25.45 -3.35
CA ILE A 199 -2.65 -24.30 -2.97
C ILE A 199 -1.25 -24.54 -3.51
N VAL A 200 -0.77 -23.63 -4.36
CA VAL A 200 0.61 -23.64 -4.80
C VAL A 200 1.39 -22.68 -3.92
N LEU A 201 2.34 -23.21 -3.15
CA LEU A 201 3.29 -22.39 -2.41
C LEU A 201 4.45 -22.07 -3.33
N ASN A 202 4.52 -20.81 -3.80
CA ASN A 202 5.61 -20.35 -4.65
C ASN A 202 6.74 -19.86 -3.75
N ASP A 203 7.71 -20.73 -3.48
CA ASP A 203 8.77 -20.48 -2.50
C ASP A 203 10.06 -20.11 -3.22
N ASN A 204 10.45 -18.83 -3.13
CA ASN A 204 11.68 -18.35 -3.75
C ASN A 204 12.69 -17.85 -2.73
N GLU A 205 12.54 -18.24 -1.46
CA GLU A 205 13.54 -17.98 -0.43
C GLU A 205 14.42 -19.20 -0.18
N MET A 206 14.62 -20.04 -1.20
CA MET A 206 15.40 -21.27 -1.12
C MET A 206 14.81 -22.23 -0.09
N PRO A 268 5.01 -30.44 7.20
CA PRO A 268 4.87 -29.31 8.14
C PRO A 268 3.40 -28.97 8.41
N PHE A 269 2.51 -29.50 7.57
CA PHE A 269 1.09 -29.17 7.62
C PHE A 269 0.25 -30.38 8.03
N ALA A 270 0.78 -31.17 8.98
CA ALA A 270 0.02 -32.30 9.50
C ALA A 270 -1.05 -31.84 10.48
N ALA A 271 -0.71 -30.90 11.37
CA ALA A 271 -1.70 -30.37 12.30
C ALA A 271 -2.79 -29.59 11.59
N MET A 272 -2.54 -29.11 10.37
CA MET A 272 -3.56 -28.44 9.59
C MET A 272 -4.56 -29.42 8.99
N GLY A 273 -4.12 -30.63 8.67
CA GLY A 273 -4.97 -31.58 7.98
C GLY A 273 -4.98 -31.42 6.48
N VAL A 274 -3.86 -31.00 5.90
CA VAL A 274 -3.77 -30.66 4.49
C VAL A 274 -2.74 -31.58 3.83
N ARG A 275 -3.07 -32.08 2.65
CA ARG A 275 -2.14 -32.90 1.88
C ARG A 275 -0.95 -32.06 1.43
N TYR A 276 0.26 -32.58 1.63
CA TYR A 276 1.49 -31.85 1.31
C TYR A 276 2.27 -32.62 0.25
N VAL A 277 2.64 -31.92 -0.82
CA VAL A 277 3.39 -32.49 -1.93
C VAL A 277 4.54 -31.56 -2.27
N GLY A 278 5.75 -32.10 -2.33
CA GLY A 278 6.93 -31.32 -2.63
C GLY A 278 8.00 -31.44 -1.57
N PRO A 279 9.00 -30.55 -1.61
CA PRO A 279 9.16 -29.48 -2.61
C PRO A 279 9.63 -30.00 -3.98
N VAL A 280 9.19 -29.36 -5.07
CA VAL A 280 9.56 -29.77 -6.41
C VAL A 280 10.17 -28.58 -7.14
N ASP A 281 10.85 -28.88 -8.25
CA ASP A 281 11.43 -27.87 -9.12
C ASP A 281 10.34 -26.97 -9.69
N GLY A 282 10.32 -25.71 -9.26
CA GLY A 282 9.32 -24.77 -9.73
C GLY A 282 9.57 -24.19 -11.10
N HIS A 283 10.56 -24.69 -11.84
CA HIS A 283 10.86 -24.21 -13.19
C HIS A 283 10.82 -25.33 -14.23
N ASN A 284 10.29 -26.49 -13.88
CA ASN A 284 10.19 -27.64 -14.79
C ASN A 284 8.73 -27.74 -15.22
N VAL A 285 8.38 -27.03 -16.29
CA VAL A 285 6.98 -26.86 -16.65
C VAL A 285 6.34 -28.20 -17.01
N GLN A 286 7.09 -29.09 -17.65
CA GLN A 286 6.55 -30.41 -17.99
C GLN A 286 6.33 -31.24 -16.74
N GLU A 287 7.28 -31.21 -15.80
CA GLU A 287 7.09 -31.93 -14.55
C GLU A 287 5.97 -31.31 -13.72
N LEU A 288 5.84 -29.98 -13.75
CA LEU A 288 4.73 -29.33 -13.05
C LEU A 288 3.39 -29.76 -13.63
N VAL A 289 3.30 -29.89 -14.96
CA VAL A 289 2.06 -30.33 -15.59
C VAL A 289 1.70 -31.74 -15.11
N TRP A 290 2.67 -32.65 -15.18
CA TRP A 290 2.45 -34.02 -14.75
C TRP A 290 1.88 -34.08 -13.34
N LEU A 291 2.43 -33.29 -12.42
CA LEU A 291 1.98 -33.30 -11.03
C LEU A 291 0.58 -32.75 -10.90
N LEU A 292 0.31 -31.60 -11.52
CA LEU A 292 -1.00 -30.99 -11.40
C LEU A 292 -2.10 -31.89 -11.93
N GLU A 293 -1.82 -32.64 -13.00
CA GLU A 293 -2.82 -33.57 -13.52
C GLU A 293 -3.20 -34.60 -12.47
N ARG A 294 -2.23 -35.08 -11.70
CA ARG A 294 -2.45 -36.16 -10.75
C ARG A 294 -2.71 -35.67 -9.34
N LEU A 295 -2.88 -34.36 -9.14
CA LEU A 295 -3.25 -33.80 -7.85
C LEU A 295 -4.58 -33.08 -7.86
N VAL A 296 -4.97 -32.51 -8.99
CA VAL A 296 -6.01 -31.50 -9.00
C VAL A 296 -7.40 -32.10 -8.82
N ASP A 297 -7.54 -33.41 -9.02
CA ASP A 297 -8.83 -34.09 -8.82
C ASP A 297 -8.88 -34.92 -7.55
N LEU A 298 -7.85 -34.87 -6.72
CA LEU A 298 -7.90 -35.58 -5.45
C LEU A 298 -8.88 -34.90 -4.50
N ASP A 299 -9.28 -35.65 -3.47
CA ASP A 299 -10.16 -35.11 -2.45
C ASP A 299 -9.36 -34.32 -1.41
N GLY A 300 -10.00 -33.31 -0.84
CA GLY A 300 -9.41 -32.52 0.22
C GLY A 300 -8.41 -31.52 -0.30
N PRO A 301 -7.99 -30.60 0.57
CA PRO A 301 -7.03 -29.56 0.15
C PRO A 301 -5.61 -30.09 0.08
N THR A 302 -4.87 -29.59 -0.90
CA THR A 302 -3.49 -29.98 -1.13
C THR A 302 -2.62 -28.74 -1.23
N ILE A 303 -1.39 -28.83 -0.72
CA ILE A 303 -0.38 -27.79 -0.87
C ILE A 303 0.72 -28.35 -1.76
N LEU A 304 0.93 -27.72 -2.91
CA LEU A 304 2.04 -28.05 -3.80
C LEU A 304 3.16 -27.06 -3.52
N HIS A 305 4.22 -27.54 -2.87
CA HIS A 305 5.37 -26.72 -2.51
C HIS A 305 6.34 -26.71 -3.68
N ILE A 306 6.48 -25.56 -4.33
CA ILE A 306 7.43 -25.43 -5.42
C ILE A 306 8.51 -24.43 -5.02
N VAL A 307 9.69 -24.63 -5.59
CA VAL A 307 10.84 -23.76 -5.34
C VAL A 307 11.20 -23.06 -6.64
N THR A 308 11.17 -21.74 -6.62
CA THR A 308 11.54 -20.92 -7.76
C THR A 308 12.67 -19.98 -7.40
N THR A 309 13.18 -19.27 -8.40
CA THR A 309 14.29 -18.34 -8.24
C THR A 309 13.81 -16.91 -8.46
N LYS A 310 14.22 -16.00 -7.57
CA LYS A 310 13.80 -14.61 -7.65
C LYS A 310 14.34 -13.94 -8.90
N GLY A 311 13.55 -13.94 -9.97
CA GLY A 311 13.91 -13.24 -11.19
C GLY A 311 14.60 -14.10 -12.23
N LYS A 312 13.98 -15.22 -12.61
CA LYS A 312 14.57 -16.10 -13.60
C LYS A 312 14.50 -15.49 -15.01
N ALA A 328 22.83 11.53 -10.70
CA ALA A 328 22.17 10.74 -9.66
C ALA A 328 22.99 10.73 -8.38
N LYS A 329 22.34 10.40 -7.26
CA LYS A 329 22.98 10.32 -5.96
C LYS A 329 22.44 9.13 -5.21
N PHE A 330 23.29 8.50 -4.40
CA PHE A 330 22.89 7.33 -3.65
C PHE A 330 22.13 7.71 -2.39
N ASP A 331 21.14 6.90 -2.03
CA ASP A 331 20.29 7.15 -0.88
C ASP A 331 20.43 6.02 0.13
N PRO A 332 21.08 6.25 1.28
CA PRO A 332 21.25 5.16 2.26
C PRO A 332 19.95 4.66 2.87
N ALA A 333 18.88 5.48 2.87
CA ALA A 333 17.64 5.08 3.52
C ALA A 333 16.94 3.97 2.74
N THR A 334 16.61 4.23 1.47
CA THR A 334 15.94 3.24 0.64
C THR A 334 16.91 2.31 -0.08
N GLY A 335 18.22 2.58 0.00
CA GLY A 335 19.20 1.77 -0.71
C GLY A 335 19.11 1.87 -2.22
N GLU A 336 18.39 2.87 -2.73
CA GLU A 336 18.15 3.05 -4.15
C GLU A 336 18.76 4.37 -4.61
N TYR A 337 19.29 4.35 -5.83
CA TYR A 337 19.76 5.59 -6.46
C TYR A 337 18.57 6.41 -6.94
N VAL A 338 18.67 7.72 -6.75
CA VAL A 338 17.56 8.63 -7.05
C VAL A 338 18.08 9.79 -7.88
N PRO A 339 17.19 10.59 -8.48
CA PRO A 339 17.65 11.84 -9.11
C PRO A 339 18.53 12.66 -8.18
N SER A 340 19.50 13.37 -8.76
CA SER A 340 20.46 14.11 -7.96
C SER A 340 19.79 15.14 -7.07
N SER A 341 18.73 15.80 -7.57
CA SER A 341 18.02 16.79 -6.79
C SER A 341 17.01 16.18 -5.83
N ALA A 342 16.65 14.91 -6.02
CA ALA A 342 15.57 14.30 -5.26
C ALA A 342 15.96 14.13 -3.79
N TYR A 343 14.93 13.91 -2.97
CA TYR A 343 15.09 13.61 -1.55
C TYR A 343 13.76 13.11 -1.01
N SER A 344 13.54 11.81 -1.06
CA SER A 344 12.22 11.27 -0.72
C SER A 344 11.89 11.48 0.75
N TRP A 345 10.60 11.56 1.04
CA TRP A 345 10.14 11.58 2.43
C TRP A 345 10.62 10.35 3.17
N SER A 346 10.67 9.20 2.48
CA SER A 346 11.21 7.99 3.10
C SER A 346 12.65 8.18 3.52
N ALA A 347 13.43 8.90 2.71
CA ALA A 347 14.82 9.16 3.04
C ALA A 347 14.94 10.16 4.17
N ALA A 348 14.06 11.16 4.20
CA ALA A 348 14.05 12.10 5.32
C ALA A 348 13.77 11.37 6.63
N PHE A 349 12.79 10.47 6.63
CA PHE A 349 12.49 9.69 7.83
C PHE A 349 13.66 8.80 8.22
N GLY A 350 14.24 8.10 7.26
CA GLY A 350 15.36 7.21 7.57
C GLY A 350 16.52 7.96 8.21
N GLU A 351 16.93 9.07 7.60
CA GLU A 351 17.98 9.89 8.20
C GLU A 351 17.57 10.36 9.59
N ALA A 352 16.33 10.82 9.74
CA ALA A 352 15.88 11.38 11.01
C ALA A 352 15.97 10.35 12.13
N VAL A 353 15.33 9.19 11.93
CA VAL A 353 15.28 8.19 12.99
C VAL A 353 16.67 7.59 13.23
N THR A 354 17.53 7.56 12.21
CA THR A 354 18.89 7.11 12.41
C THR A 354 19.65 8.06 13.33
N GLU A 355 19.50 9.37 13.09
CA GLU A 355 20.07 10.37 13.99
C GLU A 355 19.50 10.23 15.39
N TRP A 356 18.17 10.20 15.49
CA TRP A 356 17.53 10.21 16.81
C TRP A 356 17.98 9.04 17.66
N ALA A 357 18.02 7.84 17.08
CA ALA A 357 18.37 6.65 17.83
C ALA A 357 19.80 6.68 18.34
N LYS A 358 20.68 7.47 17.71
CA LYS A 358 22.03 7.59 18.23
C LYS A 358 22.07 8.22 19.62
N THR A 359 21.09 9.07 19.94
CA THR A 359 21.04 9.73 21.24
C THR A 359 20.00 9.14 22.19
N ASP A 360 18.99 8.45 21.68
CA ASP A 360 17.94 7.86 22.52
C ASP A 360 17.95 6.34 22.37
N PRO A 361 18.49 5.61 23.35
CA PRO A 361 18.50 4.14 23.25
C PRO A 361 17.13 3.50 23.43
N ARG A 362 16.11 4.26 23.82
CA ARG A 362 14.76 3.70 23.90
C ARG A 362 14.14 3.49 22.53
N THR A 363 14.63 4.17 21.50
CA THR A 363 13.99 4.12 20.18
C THR A 363 14.24 2.77 19.52
N PHE A 364 13.15 2.13 19.09
CA PHE A 364 13.17 0.82 18.46
C PHE A 364 12.26 0.88 17.25
N VAL A 365 12.78 0.52 16.08
CA VAL A 365 12.02 0.65 14.83
C VAL A 365 11.50 -0.72 14.40
N VAL A 366 10.20 -0.81 14.17
CA VAL A 366 9.56 -2.04 13.72
C VAL A 366 8.99 -1.79 12.33
N THR A 367 9.28 -2.69 11.40
CA THR A 367 8.68 -2.63 10.07
C THR A 367 8.04 -3.96 9.74
N PRO A 368 6.93 -3.95 8.99
CA PRO A 368 6.36 -5.21 8.48
C PRO A 368 6.86 -5.51 7.07
N ALA A 369 8.12 -5.92 6.99
CA ALA A 369 8.75 -6.41 5.75
C ALA A 369 8.81 -5.33 4.66
N MET A 370 9.00 -4.07 5.04
CA MET A 370 9.15 -2.99 4.07
C MET A 370 10.33 -2.09 4.46
N ARG A 371 11.50 -2.70 4.67
CA ARG A 371 12.66 -1.93 5.10
C ARG A 371 13.08 -0.94 4.03
N GLU A 372 13.14 -1.37 2.78
CA GLU A 372 13.63 -0.50 1.71
C GLU A 372 12.62 0.61 1.43
N GLY A 373 11.35 0.27 1.29
CA GLY A 373 10.35 1.27 0.96
C GLY A 373 10.22 2.34 2.03
N SER A 374 10.18 1.93 3.29
CA SER A 374 10.11 2.89 4.40
C SER A 374 11.42 3.64 4.59
N GLY A 375 12.50 3.23 3.93
CA GLY A 375 13.75 3.95 4.02
C GLY A 375 14.60 3.59 5.23
N LEU A 376 14.64 2.31 5.61
CA LEU A 376 15.32 1.88 6.82
C LEU A 376 16.54 1.00 6.54
N VAL A 377 17.09 1.06 5.32
CA VAL A 377 18.27 0.25 5.02
C VAL A 377 19.45 0.71 5.87
N GLU A 378 19.71 2.03 5.89
CA GLU A 378 20.83 2.53 6.67
C GLU A 378 20.60 2.33 8.15
N PHE A 379 19.38 2.61 8.62
CA PHE A 379 19.05 2.42 10.03
C PHE A 379 19.37 1.00 10.49
N SER A 380 18.91 0.01 9.73
CA SER A 380 19.12 -1.39 10.10
C SER A 380 20.59 -1.74 10.18
N ARG A 381 21.46 -1.00 9.50
CA ARG A 381 22.89 -1.26 9.58
C ARG A 381 23.56 -0.46 10.69
N VAL A 382 23.07 0.75 10.98
CA VAL A 382 23.67 1.54 12.04
C VAL A 382 23.17 1.09 13.41
N HIS A 383 21.89 0.74 13.51
CA HIS A 383 21.27 0.33 14.77
C HIS A 383 20.69 -1.08 14.66
N PRO A 384 21.54 -2.10 14.48
CA PRO A 384 21.00 -3.47 14.34
C PRO A 384 20.33 -3.99 15.60
N HIS A 385 20.74 -3.54 16.78
CA HIS A 385 20.10 -3.93 18.03
C HIS A 385 18.79 -3.17 18.29
N ARG A 386 18.35 -2.33 17.36
CA ARG A 386 17.11 -1.56 17.52
C ARG A 386 16.23 -1.63 16.27
N TYR A 387 16.40 -2.65 15.44
CA TYR A 387 15.62 -2.80 14.22
C TYR A 387 14.95 -4.17 14.23
N LEU A 388 13.65 -4.20 13.92
CA LEU A 388 12.90 -5.44 13.90
C LEU A 388 12.04 -5.52 12.64
N ASP A 389 12.05 -6.70 12.02
CA ASP A 389 11.24 -7.00 10.84
C ASP A 389 10.37 -8.21 11.16
N VAL A 390 9.05 -8.01 11.15
CA VAL A 390 8.10 -9.03 11.58
C VAL A 390 7.46 -9.75 10.40
N GLY A 391 8.02 -9.62 9.21
CA GLY A 391 7.37 -10.18 8.04
C GLY A 391 6.16 -9.33 7.65
N ILE A 392 5.32 -9.91 6.79
CA ILE A 392 4.15 -9.22 6.28
C ILE A 392 3.01 -9.35 7.30
N ALA A 393 3.24 -8.88 8.53
CA ALA A 393 2.25 -9.02 9.58
C ALA A 393 2.15 -7.69 10.33
N GLU A 394 1.44 -6.73 9.71
CA GLU A 394 1.18 -5.44 10.34
C GLU A 394 0.57 -5.61 11.73
N GLU A 395 -0.32 -6.59 11.89
CA GLU A 395 -0.90 -6.87 13.21
C GLU A 395 0.17 -7.14 14.24
N VAL A 396 1.17 -7.95 13.89
CA VAL A 396 2.24 -8.28 14.82
C VAL A 396 3.13 -7.07 15.07
N ALA A 397 3.34 -6.24 14.05
CA ALA A 397 4.24 -5.10 14.20
C ALA A 397 3.72 -4.13 15.25
N VAL A 398 2.42 -3.84 15.22
CA VAL A 398 1.88 -2.83 16.13
C VAL A 398 1.80 -3.36 17.55
N THR A 399 1.37 -4.62 17.72
CA THR A 399 1.23 -5.17 19.06
C THR A 399 2.60 -5.49 19.69
N THR A 400 3.59 -5.88 18.88
CA THR A 400 4.95 -6.01 19.40
C THR A 400 5.46 -4.66 19.88
N ALA A 401 5.17 -3.60 19.12
CA ALA A 401 5.56 -2.26 19.54
C ALA A 401 4.89 -1.89 20.86
N ALA A 402 3.60 -2.21 20.99
CA ALA A 402 2.88 -1.98 22.24
C ALA A 402 3.57 -2.70 23.41
N GLY A 403 4.02 -3.94 23.17
CA GLY A 403 4.71 -4.66 24.23
C GLY A 403 6.03 -4.01 24.60
N MET A 404 6.72 -3.41 23.61
CA MET A 404 7.92 -2.65 23.90
C MET A 404 7.59 -1.41 24.71
N ALA A 405 6.51 -0.71 24.34
CA ALA A 405 6.14 0.52 25.03
C ALA A 405 5.73 0.25 26.47
N LEU A 406 5.15 -0.93 26.73
CA LEU A 406 4.81 -1.29 28.10
C LEU A 406 6.05 -1.46 28.96
N GLN A 407 7.18 -1.81 28.35
CA GLN A 407 8.44 -2.00 29.07
C GLN A 407 9.37 -0.81 28.96
N GLY A 408 8.83 0.39 28.70
CA GLY A 408 9.60 1.60 28.78
C GLY A 408 10.23 2.08 27.49
N MET A 409 10.21 1.28 26.43
CA MET A 409 10.80 1.68 25.16
C MET A 409 9.92 2.69 24.44
N ARG A 410 10.47 3.26 23.37
CA ARG A 410 9.77 4.24 22.54
C ARG A 410 9.76 3.71 21.10
N PRO A 411 8.93 2.71 20.82
CA PRO A 411 8.99 2.09 19.49
C PRO A 411 8.44 2.99 18.41
N VAL A 412 9.02 2.85 17.21
CA VAL A 412 8.55 3.50 16.00
C VAL A 412 8.08 2.43 15.03
N VAL A 413 6.77 2.40 14.77
CA VAL A 413 6.21 1.54 13.74
C VAL A 413 6.27 2.30 12.42
N ALA A 414 7.15 1.86 11.52
CA ALA A 414 7.21 2.37 10.15
C ALA A 414 6.34 1.49 9.27
N ILE A 415 5.36 2.10 8.59
CA ILE A 415 4.33 1.33 7.91
C ILE A 415 3.64 2.23 6.89
N TYR A 416 3.32 1.66 5.73
CA TYR A 416 2.55 2.39 4.73
C TYR A 416 1.13 2.61 5.23
N SER A 417 0.51 3.71 4.78
CA SER A 417 -0.85 4.02 5.19
C SER A 417 -1.81 2.91 4.81
N THR A 418 -1.69 2.38 3.59
CA THR A 418 -2.64 1.36 3.14
C THR A 418 -2.49 0.09 3.97
N PHE A 419 -1.27 -0.24 4.39
CA PHE A 419 -1.07 -1.45 5.17
C PHE A 419 -1.47 -1.27 6.63
N LEU A 420 -1.35 -0.04 7.15
CA LEU A 420 -1.80 0.23 8.52
C LEU A 420 -3.26 -0.14 8.71
N GLN A 421 -4.04 -0.14 7.63
CA GLN A 421 -5.42 -0.59 7.68
C GLN A 421 -5.52 -1.99 8.27
N ARG A 422 -4.50 -2.82 8.05
CA ARG A 422 -4.51 -4.18 8.59
C ARG A 422 -4.38 -4.23 10.09
N ALA A 423 -3.86 -3.17 10.72
CA ALA A 423 -3.60 -3.15 12.15
C ALA A 423 -4.52 -2.20 12.89
N TYR A 424 -5.71 -1.96 12.35
CA TYR A 424 -6.63 -0.99 12.94
C TYR A 424 -6.95 -1.35 14.39
N ASP A 425 -7.37 -2.60 14.62
CA ASP A 425 -7.75 -3.02 15.97
C ASP A 425 -6.56 -3.05 16.91
N GLN A 426 -5.36 -3.34 16.39
CA GLN A 426 -4.18 -3.35 17.25
C GLN A 426 -3.81 -1.94 17.68
N VAL A 427 -4.00 -0.95 16.79
CA VAL A 427 -3.85 0.44 17.20
C VAL A 427 -4.89 0.81 18.23
N LEU A 428 -6.15 0.40 18.00
CA LEU A 428 -7.23 0.76 18.91
C LEU A 428 -7.12 0.02 20.23
N HIS A 429 -7.00 -1.31 20.17
CA HIS A 429 -7.14 -2.14 21.36
C HIS A 429 -5.80 -2.25 22.10
N ASP A 430 -4.71 -2.54 21.40
CA ASP A 430 -3.43 -2.84 22.03
C ASP A 430 -2.58 -1.60 22.33
N VAL A 431 -2.82 -0.48 21.67
CA VAL A 431 -2.01 0.73 21.84
C VAL A 431 -2.81 1.83 22.53
N ALA A 432 -4.02 2.11 22.05
CA ALA A 432 -4.71 3.32 22.48
C ALA A 432 -5.39 3.17 23.84
N ILE A 433 -5.82 1.95 24.21
CA ILE A 433 -6.60 1.80 25.43
C ILE A 433 -5.77 2.18 26.66
N GLU A 434 -4.49 1.83 26.67
CA GLU A 434 -3.61 2.25 27.76
C GLU A 434 -2.68 3.40 27.33
N HIS A 435 -3.00 4.08 26.23
CA HIS A 435 -2.30 5.31 25.84
C HIS A 435 -0.80 5.09 25.80
N LEU A 436 -0.38 4.05 25.07
CA LEU A 436 1.01 3.62 25.07
C LEU A 436 1.88 4.51 24.17
N ASN A 437 3.18 4.50 24.45
CA ASN A 437 4.15 5.32 23.73
C ASN A 437 4.59 4.63 22.44
N VAL A 438 3.68 4.58 21.48
CA VAL A 438 3.97 4.05 20.15
C VAL A 438 3.89 5.20 19.14
N THR A 439 4.95 5.39 18.39
CA THR A 439 5.02 6.39 17.33
C THR A 439 4.86 5.69 15.98
N PHE A 440 3.92 6.18 15.16
CA PHE A 440 3.67 5.64 13.83
C PHE A 440 4.19 6.62 12.79
N CYS A 441 5.16 6.19 12.00
CA CYS A 441 5.62 6.97 10.85
C CYS A 441 5.02 6.33 9.59
N ILE A 442 4.08 7.04 8.98
CA ILE A 442 3.17 6.49 8.00
C ILE A 442 3.58 7.02 6.64
N ASP A 443 4.21 6.16 5.85
CA ASP A 443 4.64 6.47 4.49
C ASP A 443 3.50 6.20 3.51
N ARG A 444 3.68 6.69 2.28
CA ARG A 444 2.69 6.49 1.22
C ARG A 444 1.31 7.00 1.62
N ALA A 445 1.26 8.07 2.40
CA ALA A 445 -0.02 8.66 2.76
C ALA A 445 -0.64 9.35 1.55
N GLY A 446 -1.96 9.25 1.43
CA GLY A 446 -2.64 9.84 0.31
C GLY A 446 -2.61 8.94 -0.92
N ILE A 447 -2.88 9.55 -2.07
CA ILE A 447 -2.86 8.83 -3.33
C ILE A 447 -1.43 8.41 -3.64
N VAL A 448 -1.23 7.12 -3.90
CA VAL A 448 0.09 6.65 -4.31
C VAL A 448 0.21 6.58 -5.83
N GLY A 449 -0.91 6.47 -6.54
CA GLY A 449 -0.87 6.57 -7.99
C GLY A 449 -1.05 5.26 -8.73
N ALA A 450 0.04 4.78 -9.34
CA ALA A 450 -0.03 3.68 -10.30
C ALA A 450 -0.45 2.36 -9.67
N ASP A 451 -0.30 2.20 -8.36
CA ASP A 451 -0.71 0.95 -7.72
C ASP A 451 -2.21 0.83 -7.52
N GLY A 452 -2.95 1.94 -7.65
CA GLY A 452 -4.40 1.84 -7.77
C GLY A 452 -5.13 1.73 -6.45
N ALA A 453 -6.33 1.13 -6.53
CA ALA A 453 -7.28 1.18 -5.41
C ALA A 453 -6.81 0.36 -4.22
N THR A 454 -6.03 -0.69 -4.44
CA THR A 454 -5.58 -1.52 -3.33
C THR A 454 -4.45 -0.90 -2.53
N HIS A 455 -3.88 0.22 -2.97
CA HIS A 455 -2.73 0.81 -2.29
C HIS A 455 -2.90 2.28 -1.91
N ASN A 456 -3.90 2.98 -2.42
CA ASN A 456 -4.07 4.39 -2.11
C ASN A 456 -4.37 4.57 -0.64
N GLY A 457 -3.47 5.24 0.08
CA GLY A 457 -3.62 5.42 1.52
C GLY A 457 -4.39 6.67 1.87
N VAL A 458 -5.67 6.70 1.51
CA VAL A 458 -6.49 7.90 1.66
C VAL A 458 -7.52 7.73 2.77
N PHE A 459 -7.26 6.84 3.73
CA PHE A 459 -8.20 6.59 4.81
C PHE A 459 -7.64 6.82 6.21
N ASP A 460 -6.33 7.00 6.36
CA ASP A 460 -5.74 7.04 7.70
C ASP A 460 -6.20 8.25 8.50
N LEU A 461 -6.43 9.39 7.84
CA LEU A 461 -6.96 10.53 8.58
C LEU A 461 -8.40 10.31 9.04
N SER A 462 -9.06 9.26 8.57
CA SER A 462 -10.42 8.94 9.00
C SER A 462 -10.44 7.90 10.11
N PHE A 463 -9.78 6.75 9.93
CA PHE A 463 -9.90 5.71 10.96
C PHE A 463 -9.01 5.98 12.16
N LEU A 464 -7.86 6.63 11.99
CA LEU A 464 -7.05 7.01 13.14
C LEU A 464 -7.74 8.08 13.97
N ARG A 465 -8.45 9.00 13.31
CA ARG A 465 -9.01 10.15 14.02
C ARG A 465 -10.08 9.72 15.03
N SER A 466 -10.77 8.63 14.77
CA SER A 466 -11.83 8.18 15.65
C SER A 466 -11.34 7.35 16.83
N ILE A 467 -10.03 7.16 16.97
CA ILE A 467 -9.45 6.40 18.07
C ILE A 467 -9.05 7.37 19.16
N PRO A 468 -9.52 7.21 20.39
CA PRO A 468 -9.16 8.15 21.46
C PRO A 468 -7.67 8.15 21.72
N GLY A 469 -7.11 9.35 21.91
CA GLY A 469 -5.73 9.52 22.33
C GLY A 469 -4.69 9.46 21.24
N VAL A 470 -5.06 9.14 20.00
CA VAL A 470 -4.10 9.01 18.90
C VAL A 470 -3.94 10.39 18.27
N ARG A 471 -2.78 11.00 18.47
CA ARG A 471 -2.46 12.26 17.82
C ARG A 471 -2.04 12.03 16.37
N ILE A 472 -2.36 12.98 15.51
CA ILE A 472 -2.12 12.86 14.08
C ILE A 472 -1.48 14.15 13.57
N GLY A 473 -0.32 14.03 12.95
CA GLY A 473 0.38 15.18 12.41
C GLY A 473 0.76 14.98 10.96
N LEU A 474 0.87 16.11 10.25
CA LEU A 474 1.23 16.13 8.83
C LEU A 474 2.35 17.13 8.60
N PRO A 475 3.58 16.67 8.39
CA PRO A 475 4.70 17.62 8.24
C PRO A 475 4.76 18.22 6.85
N LYS A 476 5.07 19.52 6.80
CA LYS A 476 5.20 20.21 5.52
C LYS A 476 6.58 20.03 4.90
N ASP A 477 7.61 19.79 5.70
CA ASP A 477 8.95 19.55 5.20
C ASP A 477 9.69 18.66 6.19
N ALA A 478 10.97 18.41 5.90
CA ALA A 478 11.74 17.47 6.70
C ALA A 478 12.02 18.01 8.10
N ALA A 479 12.27 19.32 8.23
CA ALA A 479 12.47 19.91 9.55
C ALA A 479 11.24 19.71 10.42
N GLU A 480 10.04 19.95 9.86
CA GLU A 480 8.82 19.76 10.62
C GLU A 480 8.56 18.29 10.90
N LEU A 481 9.05 17.39 10.03
CA LEU A 481 8.97 15.97 10.33
C LEU A 481 9.81 15.63 11.55
N ARG A 482 11.03 16.17 11.62
CA ARG A 482 11.89 15.93 12.77
C ARG A 482 11.30 16.52 14.04
N GLY A 483 10.68 17.69 13.94
CA GLY A 483 10.02 18.27 15.10
C GLY A 483 8.90 17.38 15.62
N MET A 484 8.11 16.81 14.71
CA MET A 484 7.04 15.90 15.13
C MET A 484 7.63 14.61 15.70
N LEU A 485 8.65 14.05 15.05
CA LEU A 485 9.26 12.84 15.56
C LEU A 485 9.87 13.06 16.94
N LYS A 486 10.54 14.21 17.14
CA LYS A 486 11.09 14.54 18.44
C LYS A 486 9.99 14.70 19.48
N TYR A 487 8.90 15.37 19.11
CA TYR A 487 7.79 15.52 20.05
C TYR A 487 7.17 14.17 20.38
N ALA A 488 6.92 13.36 19.36
CA ALA A 488 6.31 12.05 19.57
C ALA A 488 7.16 11.17 20.48
N GLN A 489 8.48 11.23 20.32
CA GLN A 489 9.38 10.36 21.07
C GLN A 489 9.66 10.86 22.48
N THR A 490 9.14 12.03 22.87
CA THR A 490 9.42 12.57 24.20
C THR A 490 8.16 12.92 24.98
N HIS A 491 6.97 12.53 24.51
CA HIS A 491 5.73 12.82 25.21
C HIS A 491 4.86 11.58 25.25
N ASP A 492 3.89 11.58 26.16
CA ASP A 492 3.11 10.39 26.46
C ASP A 492 2.06 10.12 25.38
N GLY A 493 1.77 8.83 25.18
CA GLY A 493 0.70 8.43 24.31
C GLY A 493 1.13 8.22 22.88
N PRO A 494 0.20 7.72 22.06
CA PRO A 494 0.53 7.43 20.67
C PRO A 494 0.44 8.66 19.78
N PHE A 495 1.34 8.70 18.80
CA PHE A 495 1.40 9.75 17.80
C PHE A 495 1.54 9.11 16.43
N ALA A 496 0.86 9.67 15.45
CA ALA A 496 0.96 9.24 14.06
C ALA A 496 1.44 10.40 13.23
N ILE A 497 2.39 10.12 12.33
CA ILE A 497 2.95 11.11 11.42
C ILE A 497 2.87 10.53 10.01
N ARG A 498 2.09 11.17 9.15
CA ARG A 498 1.83 10.65 7.80
C ARG A 498 2.40 11.60 6.75
N TYR A 499 3.04 11.02 5.73
CA TYR A 499 3.66 11.76 4.66
C TYR A 499 3.49 10.99 3.35
N PRO A 500 3.43 11.71 2.23
CA PRO A 500 3.17 11.05 0.95
C PRO A 500 4.43 10.43 0.35
N ARG A 501 4.21 9.61 -0.67
CA ARG A 501 5.28 9.24 -1.58
C ARG A 501 5.67 10.47 -2.39
N GLY A 502 6.94 10.84 -2.36
CA GLY A 502 7.39 12.05 -3.02
C GLY A 502 8.59 12.62 -2.32
N ASN A 503 8.99 13.82 -2.77
CA ASN A 503 10.24 14.44 -2.37
C ASN A 503 10.00 15.66 -1.49
N THR A 504 11.01 15.99 -0.68
CA THR A 504 11.00 17.17 0.16
C THR A 504 12.41 17.74 0.20
N ALA A 505 12.52 18.95 0.75
CA ALA A 505 13.83 19.60 0.85
C ALA A 505 14.71 18.90 1.89
N GLN A 506 15.96 18.65 1.53
CA GLN A 506 16.89 18.00 2.44
C GLN A 506 17.36 18.98 3.51
N VAL A 507 17.37 18.50 4.76
CA VAL A 507 17.75 19.35 5.90
C VAL A 507 19.11 18.93 6.44
N PRO A 508 19.88 19.86 7.00
CA PRO A 508 21.18 19.50 7.57
C PRO A 508 21.03 18.72 8.86
N ALA A 509 22.06 17.92 9.17
CA ALA A 509 22.03 17.06 10.34
C ALA A 509 21.99 17.88 11.62
N GLY A 510 21.32 17.36 12.64
CA GLY A 510 21.16 18.03 13.90
C GLY A 510 19.97 18.98 13.95
N THR A 511 19.16 19.04 12.90
CA THR A 511 17.96 19.87 12.90
C THR A 511 16.88 19.18 13.73
N TRP A 512 16.54 19.75 14.88
CA TRP A 512 15.52 19.19 15.76
C TRP A 512 14.73 20.32 16.39
N PRO A 513 13.83 20.94 15.64
CA PRO A 513 13.05 22.06 16.18
C PRO A 513 12.13 21.60 17.29
N ASP A 514 11.74 22.57 18.12
CA ASP A 514 10.73 22.36 19.14
C ASP A 514 9.41 22.91 18.61
N LEU A 515 8.40 22.06 18.51
CA LEU A 515 7.05 22.50 18.19
C LEU A 515 6.10 22.04 19.28
N LYS A 516 5.08 22.87 19.54
CA LYS A 516 3.98 22.47 20.41
C LYS A 516 2.98 21.68 19.59
N TRP A 517 2.74 20.42 19.96
CA TRP A 517 1.80 19.60 19.22
C TRP A 517 0.40 20.17 19.34
N GLY A 518 -0.28 20.28 18.20
CA GLY A 518 -1.60 20.86 18.15
C GLY A 518 -1.64 22.30 17.69
N GLU A 519 -0.50 22.92 17.45
CA GLU A 519 -0.46 24.31 17.00
C GLU A 519 -0.26 24.36 15.49
N TRP A 520 -1.18 25.01 14.80
CA TRP A 520 -1.01 25.30 13.40
C TRP A 520 -0.10 26.53 13.23
N GLU A 521 0.23 26.86 11.99
CA GLU A 521 1.01 28.06 11.71
C GLU A 521 0.49 28.73 10.46
N ARG A 522 0.25 30.04 10.55
CA ARG A 522 -0.19 30.80 9.39
C ARG A 522 0.97 31.01 8.44
N LEU A 523 0.81 30.59 7.18
CA LEU A 523 1.87 30.70 6.20
C LEU A 523 1.69 31.88 5.25
N LYS A 524 0.48 32.36 5.07
CA LYS A 524 0.22 33.50 4.21
C LYS A 524 -0.92 34.32 4.81
N GLY A 525 -0.68 35.62 4.96
CA GLY A 525 -1.70 36.49 5.51
C GLY A 525 -2.95 36.53 4.65
N GLY A 526 -4.02 36.99 5.27
CA GLY A 526 -5.30 37.05 4.59
C GLY A 526 -6.41 36.51 5.46
N ASP A 527 -7.56 37.19 5.47
CA ASP A 527 -8.65 36.82 6.36
C ASP A 527 -9.99 36.68 5.66
N ASP A 528 -10.08 36.98 4.37
CA ASP A 528 -11.35 36.85 3.66
C ASP A 528 -11.70 35.40 3.41
N VAL A 529 -10.89 34.71 2.60
CA VAL A 529 -10.95 33.27 2.44
C VAL A 529 -9.66 32.68 2.99
N VAL A 530 -9.79 31.68 3.86
CA VAL A 530 -8.63 31.04 4.46
C VAL A 530 -8.65 29.56 4.08
N ILE A 531 -7.53 29.07 3.56
CA ILE A 531 -7.38 27.67 3.19
C ILE A 531 -6.64 26.95 4.31
N LEU A 532 -7.19 25.83 4.75
CA LEU A 532 -6.56 24.99 5.77
C LEU A 532 -6.09 23.71 5.10
N ALA A 533 -4.79 23.44 5.18
CA ALA A 533 -4.23 22.30 4.48
C ALA A 533 -2.88 21.94 5.07
N GLY A 534 -2.60 20.64 5.11
CA GLY A 534 -1.32 20.16 5.58
C GLY A 534 -0.73 19.16 4.61
N GLY A 535 0.59 19.02 4.69
CA GLY A 535 1.28 18.00 3.91
C GLY A 535 1.12 18.24 2.42
N LYS A 536 0.80 17.17 1.70
CA LYS A 536 0.70 17.23 0.25
C LYS A 536 -0.33 18.25 -0.20
N ALA A 537 -1.48 18.32 0.48
CA ALA A 537 -2.51 19.28 0.13
C ALA A 537 -2.02 20.71 0.32
N LEU A 538 -1.12 20.95 1.28
CA LEU A 538 -0.62 22.29 1.52
C LEU A 538 0.20 22.79 0.34
N ASP A 539 0.90 21.89 -0.36
CA ASP A 539 1.62 22.30 -1.56
C ASP A 539 0.67 22.91 -2.59
N TYR A 540 -0.47 22.25 -2.83
CA TYR A 540 -1.45 22.78 -3.76
C TYR A 540 -2.02 24.11 -3.27
N ALA A 541 -2.29 24.20 -1.96
CA ALA A 541 -2.93 25.40 -1.43
C ALA A 541 -2.03 26.62 -1.57
N LEU A 542 -0.76 26.49 -1.17
CA LEU A 542 0.18 27.60 -1.33
C LEU A 542 0.33 27.97 -2.79
N LYS A 543 0.39 26.97 -3.67
CA LYS A 543 0.45 27.25 -5.10
C LYS A 543 -0.80 27.98 -5.56
N ALA A 544 -1.97 27.54 -5.10
CA ALA A 544 -3.24 28.11 -5.57
C ALA A 544 -3.39 29.57 -5.15
N ALA A 545 -3.06 29.88 -3.90
CA ALA A 545 -3.26 31.21 -3.34
C ALA A 545 -2.00 32.05 -3.38
N GLU A 546 -1.05 31.70 -4.25
CA GLU A 546 0.29 32.31 -4.21
C GLU A 546 0.21 33.83 -4.31
N ASP A 547 -0.40 34.34 -5.38
CA ASP A 547 -0.47 35.78 -5.58
C ASP A 547 -1.71 36.42 -4.96
N LEU A 548 -2.78 35.64 -4.75
CA LEU A 548 -4.10 36.14 -4.36
C LEU A 548 -4.06 36.84 -3.01
N PRO A 549 -4.26 38.17 -2.99
CA PRO A 549 -4.32 38.86 -1.70
C PRO A 549 -5.63 38.58 -1.00
N GLY A 550 -5.61 38.71 0.33
CA GLY A 550 -6.76 38.41 1.15
C GLY A 550 -7.11 36.95 1.25
N VAL A 551 -6.42 36.07 0.54
CA VAL A 551 -6.65 34.63 0.63
C VAL A 551 -5.56 34.08 1.55
N GLY A 552 -5.93 33.82 2.80
CA GLY A 552 -4.98 33.27 3.73
C GLY A 552 -4.75 31.78 3.55
N VAL A 553 -3.59 31.32 3.97
CA VAL A 553 -3.25 29.91 3.97
C VAL A 553 -2.64 29.54 5.31
N VAL A 554 -3.23 28.54 5.96
CA VAL A 554 -2.78 28.06 7.26
C VAL A 554 -2.27 26.65 7.09
N ASN A 555 -1.07 26.37 7.62
CA ASN A 555 -0.55 25.02 7.66
C ASN A 555 -1.24 24.28 8.80
N ALA A 556 -2.33 23.59 8.46
CA ALA A 556 -3.03 22.73 9.40
C ALA A 556 -2.28 21.41 9.50
N ARG A 557 -1.11 21.48 10.13
CA ARG A 557 -0.17 20.37 10.22
C ARG A 557 -0.55 19.36 11.29
N PHE A 558 -1.61 19.61 12.05
CA PHE A 558 -2.09 18.66 13.05
C PHE A 558 -3.58 18.41 12.81
N VAL A 559 -3.93 17.15 12.61
CA VAL A 559 -5.33 16.77 12.45
C VAL A 559 -5.94 16.39 13.78
N LYS A 560 -5.15 15.78 14.67
CA LYS A 560 -5.63 15.47 16.00
C LYS A 560 -4.54 15.80 17.02
N PRO A 561 -4.78 16.79 17.89
CA PRO A 561 -5.99 17.61 17.88
C PRO A 561 -5.90 18.72 16.84
N LEU A 562 -7.01 19.35 16.54
CA LEU A 562 -6.99 20.58 15.77
C LEU A 562 -6.50 21.72 16.66
N ASP A 563 -5.97 22.75 16.03
CA ASP A 563 -5.65 24.01 16.72
C ASP A 563 -6.97 24.75 16.89
N GLU A 564 -7.65 24.47 18.01
CA GLU A 564 -8.97 25.06 18.22
C GLU A 564 -8.89 26.57 18.41
N GLU A 565 -7.80 27.07 18.99
CA GLU A 565 -7.63 28.50 19.18
C GLU A 565 -7.61 29.23 17.83
N MET A 566 -6.69 28.81 16.94
CA MET A 566 -6.60 29.45 15.64
C MET A 566 -7.85 29.23 14.81
N LEU A 567 -8.44 28.03 14.90
CA LEU A 567 -9.65 27.75 14.13
C LEU A 567 -10.82 28.59 14.61
N ARG A 568 -10.91 28.84 15.91
CA ARG A 568 -11.95 29.73 16.42
C ARG A 568 -11.75 31.16 15.93
N GLU A 569 -10.51 31.64 15.95
CA GLU A 569 -10.22 32.99 15.47
C GLU A 569 -10.46 33.10 13.97
N VAL A 570 -9.91 32.16 13.20
CA VAL A 570 -10.04 32.21 11.74
C VAL A 570 -11.50 31.99 11.34
N GLY A 571 -12.14 30.98 11.91
CA GLY A 571 -13.53 30.70 11.56
C GLY A 571 -14.48 31.80 11.98
N GLY A 572 -14.12 32.56 13.01
CA GLY A 572 -14.98 33.63 13.46
C GLY A 572 -15.01 34.83 12.53
N ARG A 573 -13.89 35.11 11.86
CA ARG A 573 -13.77 36.30 11.03
C ARG A 573 -13.68 36.02 9.54
N ALA A 574 -13.39 34.79 9.12
CA ALA A 574 -13.27 34.49 7.71
C ALA A 574 -14.65 34.42 7.07
N ARG A 575 -14.76 34.97 5.86
CA ARG A 575 -15.99 34.84 5.10
C ARG A 575 -16.24 33.38 4.72
N ALA A 576 -15.21 32.71 4.20
CA ALA A 576 -15.29 31.32 3.83
C ALA A 576 -13.99 30.61 4.16
N LEU A 577 -14.09 29.31 4.44
CA LEU A 577 -12.94 28.46 4.68
C LEU A 577 -12.86 27.39 3.61
N ILE A 578 -11.64 26.96 3.32
CA ILE A 578 -11.38 25.86 2.39
C ILE A 578 -10.46 24.87 3.07
N THR A 579 -10.94 23.64 3.27
CA THR A 579 -10.11 22.56 3.79
C THR A 579 -9.70 21.65 2.63
N VAL A 580 -8.42 21.29 2.61
CA VAL A 580 -7.87 20.42 1.58
C VAL A 580 -7.13 19.28 2.28
N GLU A 581 -7.31 18.06 1.77
CA GLU A 581 -6.68 16.91 2.38
C GLU A 581 -6.43 15.84 1.32
N ASP A 582 -5.27 15.18 1.43
CA ASP A 582 -4.95 14.01 0.61
C ASP A 582 -5.56 12.75 1.26
N ASN A 583 -6.87 12.80 1.43
CA ASN A 583 -7.63 11.83 2.21
C ASN A 583 -9.07 11.88 1.74
N THR A 584 -9.83 10.85 2.07
CA THR A 584 -11.25 10.85 1.74
C THR A 584 -11.96 12.00 2.46
N VAL A 585 -12.95 12.58 1.79
CA VAL A 585 -13.74 13.65 2.39
C VAL A 585 -14.64 13.17 3.51
N VAL A 586 -14.76 11.87 3.71
CA VAL A 586 -15.69 11.30 4.68
C VAL A 586 -14.95 11.04 5.97
N GLY A 587 -15.27 11.83 7.00
CA GLY A 587 -14.72 11.62 8.33
C GLY A 587 -13.26 12.00 8.50
N GLY A 588 -12.68 12.70 7.55
CA GLY A 588 -11.27 13.08 7.57
C GLY A 588 -11.04 14.45 8.16
N PHE A 589 -10.07 15.17 7.60
CA PHE A 589 -9.72 16.49 8.13
C PHE A 589 -10.86 17.49 7.93
N GLY A 590 -11.55 17.42 6.80
CA GLY A 590 -12.71 18.29 6.59
C GLY A 590 -13.78 18.09 7.65
N GLY A 591 -14.15 16.82 7.89
CA GLY A 591 -15.12 16.54 8.94
C GLY A 591 -14.66 16.98 10.32
N ALA A 592 -13.36 16.86 10.60
CA ALA A 592 -12.82 17.32 11.87
C ALA A 592 -13.03 18.83 12.03
N VAL A 593 -12.76 19.61 10.99
CA VAL A 593 -12.97 21.05 11.04
C VAL A 593 -14.44 21.38 11.27
N LEU A 594 -15.33 20.68 10.55
CA LEU A 594 -16.77 20.93 10.70
C LEU A 594 -17.26 20.57 12.10
N GLU A 595 -16.75 19.46 12.65
CA GLU A 595 -17.13 19.08 14.01
C GLU A 595 -16.69 20.14 15.01
N ALA A 596 -15.48 20.67 14.85
CA ALA A 596 -14.99 21.70 15.76
C ALA A 596 -15.77 23.00 15.61
N LEU A 597 -15.99 23.44 14.37
CA LEU A 597 -16.71 24.68 14.13
C LEU A 597 -18.12 24.61 14.68
N ASN A 598 -18.80 23.48 14.47
CA ASN A 598 -20.17 23.35 14.96
C ASN A 598 -20.23 23.40 16.49
N SER A 599 -19.26 22.75 17.16
CA SER A 599 -19.25 22.76 18.61
C SER A 599 -18.87 24.13 19.17
N MET A 600 -18.25 24.98 18.37
CA MET A 600 -18.04 26.38 18.72
C MET A 600 -19.16 27.29 18.22
N ASN A 601 -20.21 26.70 17.64
CA ASN A 601 -21.33 27.43 17.08
C ASN A 601 -20.89 28.52 16.11
N LEU A 602 -19.82 28.24 15.36
CA LEU A 602 -19.38 29.08 14.26
C LEU A 602 -19.86 28.45 12.96
N HIS A 603 -20.51 29.26 12.11
CA HIS A 603 -21.13 28.77 10.88
C HIS A 603 -20.66 29.58 9.68
N PRO A 604 -19.39 29.50 9.31
CA PRO A 604 -18.93 30.10 8.06
C PRO A 604 -19.11 29.12 6.91
N THR A 605 -19.12 29.67 5.70
CA THR A 605 -19.11 28.82 4.52
C THR A 605 -17.81 28.04 4.48
N VAL A 606 -17.91 26.73 4.24
CA VAL A 606 -16.74 25.85 4.18
C VAL A 606 -16.86 24.99 2.93
N ARG A 607 -15.74 24.80 2.25
CA ARG A 607 -15.65 23.89 1.10
C ARG A 607 -14.66 22.80 1.47
N VAL A 608 -15.14 21.57 1.59
CA VAL A 608 -14.31 20.42 1.92
C VAL A 608 -13.80 19.81 0.63
N LEU A 609 -12.49 19.93 0.40
CA LEU A 609 -11.84 19.39 -0.79
C LEU A 609 -11.02 18.17 -0.40
N GLY A 610 -11.21 17.08 -1.13
CA GLY A 610 -10.48 15.87 -0.84
C GLY A 610 -10.83 14.79 -1.83
N ILE A 611 -10.40 13.57 -1.53
CA ILE A 611 -10.70 12.44 -2.40
C ILE A 611 -12.17 12.07 -2.24
N PRO A 612 -12.92 11.88 -3.31
CA PRO A 612 -14.34 11.49 -3.19
C PRO A 612 -14.49 10.12 -2.56
N ASP A 613 -15.71 9.86 -2.09
CA ASP A 613 -16.06 8.57 -1.50
C ASP A 613 -16.10 7.47 -2.56
N GLU A 614 -14.99 7.30 -3.27
CA GLU A 614 -14.90 6.35 -4.37
C GLU A 614 -13.46 5.88 -4.49
N PHE A 615 -13.29 4.59 -4.73
CA PHE A 615 -11.95 4.07 -4.95
C PHE A 615 -11.37 4.69 -6.22
N GLN A 616 -10.08 5.03 -6.16
CA GLN A 616 -9.40 5.70 -7.26
C GLN A 616 -8.55 4.71 -8.02
N GLU A 617 -8.85 4.52 -9.31
CA GLU A 617 -8.12 3.57 -10.15
C GLU A 617 -6.69 4.04 -10.38
N HIS A 618 -5.86 3.11 -10.86
CA HIS A 618 -4.46 3.41 -11.14
C HIS A 618 -4.33 4.53 -12.17
N ALA A 619 -3.47 5.49 -11.86
CA ALA A 619 -3.18 6.69 -12.62
C ALA A 619 -2.21 7.50 -11.79
N THR A 620 -1.54 8.47 -12.40
CA THR A 620 -0.63 9.31 -11.63
C THR A 620 -1.40 10.05 -10.54
N ALA A 621 -0.70 10.39 -9.46
CA ALA A 621 -1.32 11.17 -8.39
C ALA A 621 -1.77 12.54 -8.90
N GLU A 622 -1.01 13.13 -9.82
CA GLU A 622 -1.40 14.42 -10.38
C GLU A 622 -2.74 14.32 -11.11
N SER A 623 -2.96 13.23 -11.82
CA SER A 623 -4.24 13.02 -12.51
C SER A 623 -5.37 12.79 -11.52
N VAL A 624 -5.14 11.94 -10.52
CA VAL A 624 -6.18 11.67 -9.53
C VAL A 624 -6.55 12.93 -8.77
N HIS A 625 -5.54 13.70 -8.34
CA HIS A 625 -5.82 14.94 -7.61
C HIS A 625 -6.52 15.97 -8.47
N ALA A 626 -6.23 15.97 -9.78
CA ALA A 626 -6.95 16.87 -10.68
C ALA A 626 -8.43 16.49 -10.77
N ARG A 627 -8.73 15.20 -10.89
CA ARG A 627 -10.12 14.77 -10.98
C ARG A 627 -10.82 14.77 -9.64
N ALA A 628 -10.06 14.67 -8.54
CA ALA A 628 -10.67 14.78 -7.22
C ALA A 628 -10.95 16.23 -6.86
N GLY A 629 -10.17 17.16 -7.40
CA GLY A 629 -10.42 18.57 -7.17
C GLY A 629 -9.63 19.18 -6.03
N ILE A 630 -8.38 18.74 -5.83
CA ILE A 630 -7.54 19.26 -4.75
C ILE A 630 -6.24 19.87 -5.26
N ASP A 631 -5.94 19.78 -6.56
CA ASP A 631 -4.73 20.41 -7.06
C ASP A 631 -4.92 21.93 -7.16
N ALA A 632 -3.84 22.63 -7.52
CA ALA A 632 -3.88 24.09 -7.51
C ALA A 632 -4.95 24.68 -8.41
N PRO A 633 -5.13 24.25 -9.67
CA PRO A 633 -6.21 24.83 -10.48
C PRO A 633 -7.59 24.58 -9.92
N ALA A 634 -7.85 23.39 -9.36
CA ALA A 634 -9.16 23.11 -8.81
C ALA A 634 -9.45 23.96 -7.58
N ILE A 635 -8.44 24.20 -6.75
CA ILE A 635 -8.60 25.11 -5.62
C ILE A 635 -8.85 26.53 -6.11
N ARG A 636 -8.20 26.92 -7.20
CA ARG A 636 -8.48 28.24 -7.79
C ARG A 636 -9.93 28.32 -8.27
N THR A 637 -10.44 27.23 -8.84
CA THR A 637 -11.84 27.20 -9.25
C THR A 637 -12.77 27.42 -8.06
N VAL A 638 -12.48 26.74 -6.94
CA VAL A 638 -13.29 26.92 -5.74
C VAL A 638 -13.17 28.35 -5.23
N LEU A 639 -11.97 28.93 -5.31
CA LEU A 639 -11.78 30.32 -4.90
C LEU A 639 -12.61 31.26 -5.75
N ALA A 640 -12.75 30.96 -7.04
CA ALA A 640 -13.57 31.80 -7.91
C ALA A 640 -15.05 31.65 -7.60
N GLU A 641 -15.51 30.42 -7.36
CA GLU A 641 -16.90 30.22 -6.98
C GLU A 641 -17.25 30.96 -5.71
N LEU A 642 -16.25 31.20 -4.85
CA LEU A 642 -16.44 31.97 -3.63
C LEU A 642 -16.32 33.47 -3.84
N GLY A 643 -16.04 33.92 -5.05
CA GLY A 643 -16.01 35.34 -5.35
C GLY A 643 -14.64 36.00 -5.35
N VAL A 644 -13.57 35.22 -5.36
CA VAL A 644 -12.22 35.77 -5.40
C VAL A 644 -11.81 35.96 -6.86
N ASP A 645 -11.24 37.12 -7.17
CA ASP A 645 -10.79 37.41 -8.53
C ASP A 645 -9.60 36.53 -8.87
N VAL A 646 -9.82 35.54 -9.72
CA VAL A 646 -8.77 34.62 -10.18
C VAL A 646 -8.52 34.91 -11.65
N PRO A 647 -7.25 34.99 -12.10
CA PRO A 647 -6.84 35.27 -13.48
C PRO A 647 -7.68 34.55 -14.56
#